data_5GJ3
#
_entry.id   5GJ3
#
_cell.length_a   67.326
_cell.length_b   86.338
_cell.length_c   118.806
_cell.angle_alpha   90.000
_cell.angle_beta   90.000
_cell.angle_gamma   90.000
#
_symmetry.space_group_name_H-M   'C 2 2 21'
#
loop_
_entity.id
_entity.type
_entity.pdbx_description
1 polymer 'Periplasmic binding protein'
2 non-polymer 'PROTOPORPHYRIN IX CONTAINING FE'
3 non-polymer 'ZINC ION'
4 water water
#
_entity_poly.entity_id   1
_entity_poly.type   'polypeptide(L)'
_entity_poly.pdbx_seq_one_letter_code
;GPLGSERIVSLNGDITEIIFALGMGEYVVGVDSSATYPPERTKMLPNIGYQRRLSAEGILSLNPTLVIGDEAAGPPETLA
QIRAAGVPLAITADPPSLDAPQQKIRFVAQALGIPQRGERLAAQVEAEIAAARDLARRITNPPHVLFLYLRGTDVQQVAG
RNTAVDVMIAAAGGINAAADAGIVEFKPLSPEVVIAAQPDVLLVLDKGLESVGGVDGLLKIPGLADTPAGRQRRIIALDD
LYLLGMGPRTGQALTDLTIAFYDAAQGSRP
;
_entity_poly.pdbx_strand_id   A
#
# COMPACT_ATOMS: atom_id res chain seq x y z
N GLY A 1 36.35 15.39 9.45
CA GLY A 1 35.98 14.80 10.76
C GLY A 1 34.51 14.96 11.19
N PRO A 2 34.03 16.24 11.41
CA PRO A 2 32.80 16.60 12.15
C PRO A 2 31.51 15.91 11.68
N LEU A 3 30.67 15.51 12.64
CA LEU A 3 29.46 14.75 12.33
C LEU A 3 28.22 15.52 12.79
N GLY A 4 27.30 15.77 11.86
CA GLY A 4 26.04 16.44 12.20
C GLY A 4 25.06 15.40 12.68
N SER A 5 23.93 15.81 13.24
CA SER A 5 22.96 14.78 13.54
C SER A 5 21.68 15.01 12.74
N GLU A 6 21.37 14.02 11.92
CA GLU A 6 20.26 14.10 10.98
C GLU A 6 18.94 14.07 11.78
N ARG A 7 18.03 14.98 11.44
CA ARG A 7 16.67 14.98 11.97
C ARG A 7 15.70 14.92 10.78
N ILE A 8 15.20 13.73 10.52
CA ILE A 8 14.38 13.45 9.34
C ILE A 8 12.89 13.48 9.68
N VAL A 9 12.17 14.25 8.89
CA VAL A 9 10.72 14.23 8.89
C VAL A 9 10.32 13.56 7.58
N SER A 10 9.60 12.45 7.73
CA SER A 10 9.20 11.64 6.59
C SER A 10 7.69 11.89 6.30
N LEU A 11 7.37 12.23 5.06
CA LEU A 11 6.01 12.66 4.73
C LEU A 11 4.97 11.54 4.39
N ASN A 12 5.44 10.33 4.17
CA ASN A 12 4.54 9.26 3.71
C ASN A 12 4.88 8.00 4.44
N GLY A 13 3.85 7.21 4.77
CA GLY A 13 4.07 5.92 5.43
C GLY A 13 5.02 4.96 4.76
N ASP A 14 4.98 4.84 3.42
CA ASP A 14 5.90 3.96 2.70
C ASP A 14 7.40 4.41 2.67
N ILE A 15 7.61 5.73 2.60
CA ILE A 15 8.95 6.32 2.76
C ILE A 15 9.51 6.06 4.16
N THR A 16 8.68 6.28 5.18
CA THR A 16 9.07 5.99 6.56
C THR A 16 9.52 4.53 6.73
N GLU A 17 8.71 3.60 6.21
CA GLU A 17 9.02 2.18 6.29
C GLU A 17 10.35 1.89 5.64
N ILE A 18 10.62 2.58 4.53
CA ILE A 18 11.84 2.34 3.80
C ILE A 18 13.05 2.92 4.65
N ILE A 19 12.89 4.05 5.32
CA ILE A 19 14.01 4.62 6.12
C ILE A 19 14.38 3.60 7.21
N PHE A 20 13.34 3.06 7.88
CA PHE A 20 13.57 2.06 8.94
C PHE A 20 14.19 0.77 8.36
N ALA A 21 13.77 0.33 7.17
CA ALA A 21 14.34 -0.86 6.55
C ALA A 21 15.79 -0.70 6.14
N LEU A 22 16.19 0.55 5.90
CA LEU A 22 17.58 0.81 5.54
C LEU A 22 18.49 0.93 6.78
N GLY A 23 17.90 0.89 7.97
CA GLY A 23 18.67 1.00 9.19
C GLY A 23 18.79 2.40 9.82
N MET A 24 17.99 3.38 9.36
CA MET A 24 18.20 4.79 9.69
C MET A 24 17.05 5.34 10.50
N GLY A 25 16.26 4.42 11.05
CA GLY A 25 15.08 4.80 11.78
C GLY A 25 15.39 5.67 12.99
N GLU A 26 16.56 5.50 13.61
CA GLU A 26 16.79 6.35 14.80
C GLU A 26 16.87 7.85 14.46
N TYR A 27 17.03 8.20 13.18
CA TYR A 27 17.10 9.63 12.80
C TYR A 27 15.78 10.26 12.46
N VAL A 28 14.70 9.49 12.55
CA VAL A 28 13.39 10.02 12.16
C VAL A 28 12.81 10.74 13.39
N VAL A 29 12.40 11.98 13.23
CA VAL A 29 11.84 12.77 14.32
C VAL A 29 10.35 13.08 14.19
N GLY A 30 9.76 12.77 13.02
CA GLY A 30 8.34 13.09 12.82
C GLY A 30 7.84 12.27 11.65
N VAL A 31 6.58 11.80 11.78
CA VAL A 31 5.96 10.97 10.72
C VAL A 31 4.51 11.38 10.48
N ASP A 32 3.97 10.97 9.34
CA ASP A 32 2.56 11.22 9.06
C ASP A 32 1.68 10.06 9.61
N SER A 33 0.36 10.33 9.70
CA SER A 33 -0.70 9.36 10.14
C SER A 33 -0.66 7.99 9.49
N SER A 34 -0.25 7.92 8.23
CA SER A 34 -0.24 6.61 7.54
C SER A 34 1.03 5.79 7.86
N ALA A 35 1.93 6.32 8.68
CA ALA A 35 3.17 5.62 8.92
C ALA A 35 2.98 4.63 10.07
N THR A 36 2.53 3.42 9.73
CA THR A 36 2.17 2.38 10.74
C THR A 36 3.21 1.23 10.77
N TYR A 37 4.36 1.37 10.09
CA TYR A 37 5.43 0.33 10.11
C TYR A 37 6.88 0.87 10.19
N PRO A 38 7.72 0.36 11.14
CA PRO A 38 7.41 -0.68 12.21
C PRO A 38 6.52 -0.06 13.29
N PRO A 39 5.35 -0.67 13.60
CA PRO A 39 4.38 0.08 14.46
C PRO A 39 4.91 0.41 15.88
N GLU A 40 5.78 -0.45 16.40
CA GLU A 40 6.31 -0.24 17.76
C GLU A 40 7.13 1.06 17.83
N ARG A 41 7.82 1.39 16.73
CA ARG A 41 8.69 2.57 16.66
C ARG A 41 7.93 3.81 16.26
N THR A 42 7.07 3.73 15.22
CA THR A 42 6.40 4.94 14.72
C THR A 42 5.31 5.45 15.66
N LYS A 43 4.72 4.57 16.49
CA LYS A 43 3.73 5.05 17.49
C LYS A 43 4.38 6.03 18.47
N MET A 44 5.69 5.91 18.67
CA MET A 44 6.36 6.82 19.61
C MET A 44 6.72 8.20 19.02
N LEU A 45 6.39 8.46 17.76
CA LEU A 45 6.96 9.68 17.14
C LEU A 45 5.95 10.78 16.97
N PRO A 46 6.38 12.04 16.96
CA PRO A 46 5.42 13.10 16.74
C PRO A 46 4.67 12.96 15.38
N ASN A 47 3.42 13.40 15.36
CA ASN A 47 2.55 13.30 14.20
C ASN A 47 2.61 14.61 13.51
N ILE A 48 2.73 14.60 12.17
CA ILE A 48 2.76 15.86 11.43
C ILE A 48 1.48 16.01 10.56
N GLY A 49 0.52 15.10 10.75
CA GLY A 49 -0.76 15.20 10.02
C GLY A 49 -0.84 14.04 9.03
N TYR A 50 -1.94 13.93 8.28
CA TYR A 50 -2.04 12.89 7.24
C TYR A 50 -1.17 13.28 5.98
N GLN A 51 -0.56 12.31 5.32
CA GLN A 51 0.32 12.56 4.12
C GLN A 51 -0.20 13.56 3.07
N ARG A 52 -1.51 13.61 2.85
CA ARG A 52 -2.13 14.53 1.87
C ARG A 52 -2.68 15.78 2.53
N ARG A 53 -2.54 15.88 3.85
CA ARG A 53 -3.08 17.03 4.56
C ARG A 53 -2.05 17.44 5.64
N LEU A 54 -0.81 17.63 5.20
CA LEU A 54 0.31 17.82 6.12
C LEU A 54 0.30 19.17 6.77
N SER A 55 0.64 19.23 8.05
CA SER A 55 0.82 20.50 8.78
C SER A 55 2.24 21.09 8.58
N ALA A 56 2.35 22.26 7.95
CA ALA A 56 3.64 22.95 7.83
C ALA A 56 4.25 23.20 9.22
N GLU A 57 3.44 23.74 10.13
CA GLU A 57 3.93 24.01 11.51
C GLU A 57 4.33 22.74 12.26
N GLY A 58 3.57 21.66 12.11
CA GLY A 58 3.91 20.39 12.71
C GLY A 58 5.25 19.85 12.20
N ILE A 59 5.53 20.01 10.91
CA ILE A 59 6.82 19.59 10.38
C ILE A 59 7.93 20.58 10.89
N LEU A 60 7.72 21.88 10.72
CA LEU A 60 8.84 22.84 10.98
C LEU A 60 9.24 22.97 12.45
N SER A 61 8.28 22.75 13.34
CA SER A 61 8.56 22.84 14.74
C SER A 61 9.42 21.65 15.26
N LEU A 62 9.64 20.63 14.41
CA LEU A 62 10.55 19.54 14.79
C LEU A 62 12.00 19.85 14.42
N ASN A 63 12.24 21.04 13.85
CA ASN A 63 13.57 21.46 13.36
C ASN A 63 14.26 20.41 12.55
N PRO A 64 13.61 20.01 11.44
CA PRO A 64 14.25 18.99 10.60
C PRO A 64 15.54 19.47 9.94
N THR A 65 16.43 18.53 9.62
CA THR A 65 17.58 18.82 8.75
C THR A 65 17.17 18.33 7.34
N LEU A 66 16.18 17.45 7.29
CA LEU A 66 15.76 16.92 5.98
C LEU A 66 14.28 16.51 6.01
N VAL A 67 13.58 16.86 4.95
CA VAL A 67 12.19 16.38 4.78
C VAL A 67 12.11 15.64 3.50
N ILE A 68 11.59 14.41 3.56
CA ILE A 68 11.55 13.53 2.46
C ILE A 68 10.14 12.91 2.28
N GLY A 69 9.69 12.76 1.05
CA GLY A 69 8.32 12.17 0.80
C GLY A 69 8.20 11.78 -0.67
N ASP A 70 7.02 11.38 -1.09
CA ASP A 70 6.85 11.06 -2.49
C ASP A 70 5.62 11.82 -2.97
N GLU A 71 5.21 11.55 -4.19
CA GLU A 71 4.18 12.37 -4.85
C GLU A 71 2.82 12.42 -4.15
N ALA A 72 2.52 11.47 -3.25
CA ALA A 72 1.29 11.55 -2.45
C ALA A 72 1.32 12.70 -1.40
N ALA A 73 2.50 13.23 -1.07
CA ALA A 73 2.60 14.23 -0.03
C ALA A 73 1.96 15.52 -0.46
N GLY A 74 1.19 16.12 0.43
CA GLY A 74 0.57 17.42 0.16
C GLY A 74 -0.10 18.04 1.39
N PRO A 75 -0.75 19.21 1.23
CA PRO A 75 -1.01 19.89 -0.05
C PRO A 75 0.20 20.65 -0.61
N PRO A 76 0.15 21.06 -1.89
CA PRO A 76 1.32 21.83 -2.38
C PRO A 76 1.73 23.06 -1.52
N GLU A 77 0.76 23.74 -0.91
CA GLU A 77 1.04 24.91 -0.06
C GLU A 77 1.88 24.55 1.20
N THR A 78 1.72 23.31 1.70
CA THR A 78 2.62 22.90 2.78
C THR A 78 4.08 22.69 2.29
N LEU A 79 4.25 21.99 1.17
CA LEU A 79 5.60 21.85 0.60
C LEU A 79 6.26 23.22 0.38
N ALA A 80 5.47 24.17 -0.14
CA ALA A 80 5.97 25.54 -0.40
C ALA A 80 6.46 26.22 0.88
N GLN A 81 5.77 26.04 2.01
CA GLN A 81 6.26 26.63 3.25
C GLN A 81 7.56 25.98 3.70
N ILE A 82 7.70 24.67 3.47
CA ILE A 82 8.98 23.97 3.78
C ILE A 82 10.12 24.65 2.99
N ARG A 83 9.90 24.92 1.71
CA ARG A 83 10.95 25.53 0.89
C ARG A 83 11.27 26.93 1.39
N ALA A 84 10.21 27.72 1.66
CA ALA A 84 10.36 29.10 2.13
C ALA A 84 11.07 29.18 3.48
N ALA A 85 10.96 28.15 4.33
CA ALA A 85 11.73 28.07 5.58
C ALA A 85 13.20 27.65 5.37
N GLY A 86 13.59 27.29 4.14
CA GLY A 86 14.97 26.92 3.91
C GLY A 86 15.34 25.51 4.38
N VAL A 87 14.35 24.62 4.61
CA VAL A 87 14.64 23.20 5.03
C VAL A 87 14.82 22.27 3.82
N PRO A 88 15.94 21.51 3.76
CA PRO A 88 16.07 20.63 2.59
C PRO A 88 14.88 19.69 2.41
N LEU A 89 14.42 19.58 1.17
CA LEU A 89 13.23 18.79 0.87
C LEU A 89 13.49 18.01 -0.42
N ALA A 90 13.09 16.73 -0.44
CA ALA A 90 13.10 16.01 -1.73
C ALA A 90 11.83 15.16 -1.84
N ILE A 91 11.28 15.06 -3.04
CA ILE A 91 10.07 14.31 -3.28
C ILE A 91 10.33 13.38 -4.47
N THR A 92 9.97 12.11 -4.34
CA THR A 92 10.10 11.17 -5.44
C THR A 92 8.75 10.74 -6.07
N ALA A 93 8.80 10.19 -7.28
CA ALA A 93 7.59 9.63 -7.92
C ALA A 93 7.14 8.39 -7.16
N ASP A 94 5.85 8.07 -7.27
CA ASP A 94 5.37 6.79 -6.73
C ASP A 94 4.31 6.19 -7.66
N PRO A 95 4.70 5.77 -8.88
CA PRO A 95 3.80 5.19 -9.88
C PRO A 95 3.17 3.85 -9.40
N PRO A 96 2.00 3.49 -9.94
CA PRO A 96 1.40 2.15 -9.73
C PRO A 96 2.13 1.09 -10.58
N SER A 97 3.28 0.62 -10.12
CA SER A 97 4.19 -0.19 -10.90
C SER A 97 5.01 -1.07 -9.92
N LEU A 98 5.38 -2.28 -10.35
CA LEU A 98 6.28 -3.12 -9.57
C LEU A 98 7.73 -2.62 -9.58
N ASP A 99 8.02 -1.61 -10.38
CA ASP A 99 9.30 -0.87 -10.28
C ASP A 99 9.36 0.23 -9.17
N ALA A 100 8.21 0.67 -8.66
CA ALA A 100 8.19 1.68 -7.58
C ALA A 100 9.01 1.30 -6.30
N PRO A 101 8.92 0.04 -5.80
CA PRO A 101 9.70 -0.29 -4.58
C PRO A 101 11.20 0.07 -4.76
N GLN A 102 11.79 -0.45 -5.82
CA GLN A 102 13.23 -0.20 -6.11
C GLN A 102 13.56 1.31 -6.30
N GLN A 103 12.71 2.00 -7.04
CA GLN A 103 12.91 3.43 -7.25
C GLN A 103 12.85 4.22 -5.93
N LYS A 104 11.87 3.93 -5.07
CA LYS A 104 11.75 4.66 -3.80
C LYS A 104 12.90 4.33 -2.85
N ILE A 105 13.32 3.06 -2.91
CA ILE A 105 14.46 2.63 -2.06
C ILE A 105 15.74 3.38 -2.45
N ARG A 106 16.03 3.43 -3.76
CA ARG A 106 17.23 4.18 -4.23
C ARG A 106 17.16 5.68 -3.91
N PHE A 107 15.95 6.25 -4.00
CA PHE A 107 15.74 7.67 -3.70
C PHE A 107 16.07 7.97 -2.21
N VAL A 108 15.55 7.16 -1.31
CA VAL A 108 15.79 7.37 0.12
C VAL A 108 17.28 7.13 0.42
N ALA A 109 17.82 6.06 -0.16
CA ALA A 109 19.24 5.74 0.12
C ALA A 109 20.19 6.87 -0.30
N GLN A 110 19.92 7.49 -1.46
CA GLN A 110 20.76 8.60 -1.93
C GLN A 110 20.64 9.79 -1.00
N ALA A 111 19.42 10.16 -0.57
CA ALA A 111 19.20 11.30 0.36
C ALA A 111 19.90 11.11 1.70
N LEU A 112 20.03 9.85 2.09
CA LEU A 112 20.63 9.52 3.38
C LEU A 112 22.10 9.20 3.25
N GLY A 113 22.63 9.19 2.01
CA GLY A 113 24.08 9.01 1.76
C GLY A 113 24.54 7.56 2.01
N ILE A 114 23.66 6.59 1.69
CA ILE A 114 23.95 5.17 1.89
C ILE A 114 23.58 4.39 0.62
N PRO A 115 24.12 4.79 -0.55
CA PRO A 115 23.63 4.12 -1.80
C PRO A 115 23.88 2.59 -1.86
N GLN A 116 24.90 2.14 -1.13
CA GLN A 116 25.24 0.69 -1.07
C GLN A 116 24.22 -0.09 -0.28
N ARG A 117 23.87 0.38 0.90
CA ARG A 117 22.77 -0.21 1.64
C ARG A 117 21.50 -0.23 0.74
N GLY A 118 21.26 0.85 -0.01
CA GLY A 118 20.10 0.92 -0.91
C GLY A 118 20.12 -0.13 -2.01
N GLU A 119 21.28 -0.34 -2.63
CA GLU A 119 21.40 -1.43 -3.66
C GLU A 119 21.14 -2.81 -3.08
N ARG A 120 21.65 -3.06 -1.88
CA ARG A 120 21.39 -4.29 -1.15
C ARG A 120 19.89 -4.45 -0.83
N LEU A 121 19.21 -3.46 -0.23
CA LEU A 121 17.75 -3.56 -0.04
C LEU A 121 16.93 -3.73 -1.35
N ALA A 122 17.22 -2.93 -2.39
CA ALA A 122 16.48 -3.03 -3.66
C ALA A 122 16.64 -4.43 -4.29
N ALA A 123 17.86 -4.97 -4.29
CA ALA A 123 18.19 -6.31 -4.86
C ALA A 123 17.38 -7.40 -4.13
N GLN A 124 17.26 -7.29 -2.80
CA GLN A 124 16.47 -8.22 -2.02
C GLN A 124 14.96 -8.10 -2.30
N VAL A 125 14.46 -6.87 -2.36
CA VAL A 125 13.05 -6.65 -2.65
C VAL A 125 12.73 -7.22 -4.03
N GLU A 126 13.56 -6.93 -5.03
CA GLU A 126 13.38 -7.46 -6.39
C GLU A 126 13.43 -8.99 -6.44
N ALA A 127 14.34 -9.60 -5.67
CA ALA A 127 14.38 -11.06 -5.52
C ALA A 127 13.10 -11.60 -4.89
N GLU A 128 12.57 -10.95 -3.83
CA GLU A 128 11.31 -11.42 -3.26
C GLU A 128 10.09 -11.30 -4.24
N ILE A 129 10.06 -10.23 -5.01
CA ILE A 129 9.01 -10.01 -6.03
C ILE A 129 9.15 -11.09 -7.12
N ALA A 130 10.39 -11.35 -7.57
CA ALA A 130 10.67 -12.43 -8.53
C ALA A 130 10.16 -13.79 -8.10
N ALA A 131 10.48 -14.15 -6.85
CA ALA A 131 10.01 -15.39 -6.28
C ALA A 131 8.49 -15.50 -6.22
N ALA A 132 7.78 -14.42 -5.88
CA ALA A 132 6.34 -14.48 -5.83
C ALA A 132 5.73 -14.66 -7.26
N ARG A 133 6.35 -14.00 -8.24
CA ARG A 133 5.89 -14.06 -9.64
C ARG A 133 6.09 -15.45 -10.25
N ASP A 134 7.21 -16.08 -9.85
CA ASP A 134 7.46 -17.47 -10.21
C ASP A 134 6.38 -18.38 -9.60
N LEU A 135 6.00 -18.15 -8.33
CA LEU A 135 4.89 -18.95 -7.78
C LEU A 135 3.56 -18.68 -8.51
N ALA A 136 3.37 -17.43 -8.91
CA ALA A 136 2.13 -17.04 -9.59
C ALA A 136 2.01 -17.73 -10.99
N ARG A 137 3.13 -18.03 -11.63
CA ARG A 137 3.14 -18.77 -12.91
C ARG A 137 2.57 -20.20 -12.83
N ARG A 138 2.44 -20.78 -11.65
CA ARG A 138 1.76 -22.06 -11.55
C ARG A 138 0.24 -21.97 -11.78
N ILE A 139 -0.32 -20.75 -11.81
CA ILE A 139 -1.77 -20.61 -11.86
C ILE A 139 -2.14 -20.69 -13.34
N THR A 140 -2.84 -21.74 -13.71
CA THR A 140 -3.26 -21.83 -15.12
C THR A 140 -4.75 -21.50 -15.24
N ASN A 141 -5.48 -21.50 -14.11
CA ASN A 141 -6.86 -21.12 -14.12
C ASN A 141 -7.12 -19.90 -13.19
N PRO A 142 -6.84 -18.68 -13.69
CA PRO A 142 -6.75 -17.63 -12.69
C PRO A 142 -8.10 -17.17 -12.08
N PRO A 143 -8.11 -16.97 -10.78
CA PRO A 143 -9.36 -16.55 -10.14
C PRO A 143 -9.71 -15.08 -10.40
N HIS A 144 -11.02 -14.81 -10.48
CA HIS A 144 -11.52 -13.42 -10.50
C HIS A 144 -11.49 -12.77 -9.10
N VAL A 145 -10.82 -11.63 -8.99
CA VAL A 145 -10.55 -11.05 -7.65
C VAL A 145 -11.20 -9.65 -7.59
N LEU A 146 -11.97 -9.35 -6.54
CA LEU A 146 -12.51 -7.99 -6.42
C LEU A 146 -11.95 -7.31 -5.15
N PHE A 147 -11.29 -6.17 -5.33
CA PHE A 147 -10.85 -5.40 -4.18
C PHE A 147 -11.92 -4.38 -3.75
N LEU A 148 -12.30 -4.38 -2.48
CA LEU A 148 -13.31 -3.44 -1.97
C LEU A 148 -12.63 -2.55 -0.95
N TYR A 149 -12.73 -1.28 -1.19
CA TYR A 149 -12.40 -0.28 -0.21
C TYR A 149 -13.70 -0.04 0.61
N LEU A 150 -13.64 -0.21 1.94
CA LEU A 150 -14.81 -0.15 2.81
C LEU A 150 -14.57 0.82 3.96
N ARG A 151 -15.59 1.57 4.31
CA ARG A 151 -15.48 2.46 5.45
C ARG A 151 -16.87 2.51 6.06
N GLY A 152 -17.15 1.47 6.86
CA GLY A 152 -18.48 1.15 7.32
C GLY A 152 -19.40 0.83 6.16
N THR A 153 -20.65 0.54 6.49
CA THR A 153 -21.66 0.24 5.47
C THR A 153 -22.02 1.44 4.57
N ASP A 154 -21.61 2.64 4.98
CA ASP A 154 -21.82 3.80 4.13
C ASP A 154 -20.96 3.88 2.87
N VAL A 155 -19.74 3.36 2.92
CA VAL A 155 -18.75 3.60 1.85
C VAL A 155 -18.29 2.25 1.30
N GLN A 156 -18.51 2.03 0.00
CA GLN A 156 -18.14 0.77 -0.67
C GLN A 156 -17.69 1.07 -2.08
N GLN A 157 -16.38 0.93 -2.29
CA GLN A 157 -15.75 1.29 -3.53
C GLN A 157 -14.90 0.12 -4.05
N VAL A 158 -14.79 0.03 -5.36
CA VAL A 158 -14.11 -1.06 -6.01
C VAL A 158 -12.94 -0.41 -6.72
N ALA A 159 -11.80 -1.08 -6.78
CA ALA A 159 -10.62 -0.56 -7.50
C ALA A 159 -10.41 -1.25 -8.86
N GLY A 160 -10.31 -0.46 -9.91
CA GLY A 160 -10.06 -0.98 -11.23
C GLY A 160 -8.61 -0.68 -11.64
N ARG A 161 -8.41 -0.43 -12.93
CA ARG A 161 -7.07 -0.23 -13.50
C ARG A 161 -6.46 1.11 -13.09
N ASN A 162 -5.14 1.22 -13.31
CA ASN A 162 -4.35 2.35 -12.84
C ASN A 162 -4.35 2.53 -11.29
N THR A 163 -4.31 1.41 -10.56
CA THR A 163 -4.17 1.41 -9.11
C THR A 163 -3.06 0.43 -8.73
N ALA A 164 -2.39 0.70 -7.61
CA ALA A 164 -1.44 -0.25 -7.04
C ALA A 164 -2.09 -1.63 -6.86
N VAL A 165 -3.35 -1.68 -6.39
CA VAL A 165 -3.93 -3.01 -6.04
C VAL A 165 -4.15 -3.82 -7.33
N ASP A 166 -4.48 -3.11 -8.41
CA ASP A 166 -4.63 -3.75 -9.72
C ASP A 166 -3.31 -4.44 -10.13
N VAL A 167 -2.21 -3.72 -9.94
CA VAL A 167 -0.88 -4.26 -10.22
C VAL A 167 -0.55 -5.46 -9.32
N MET A 168 -0.89 -5.37 -8.02
CA MET A 168 -0.63 -6.50 -7.13
C MET A 168 -1.47 -7.77 -7.52
N ILE A 169 -2.75 -7.58 -7.83
CA ILE A 169 -3.60 -8.71 -8.22
C ILE A 169 -3.01 -9.42 -9.44
N ALA A 170 -2.65 -8.64 -10.47
CA ALA A 170 -2.16 -9.23 -11.75
C ALA A 170 -0.85 -9.95 -11.55
N ALA A 171 0.10 -9.33 -10.86
CA ALA A 171 1.40 -10.00 -10.66
C ALA A 171 1.27 -11.24 -9.79
N ALA A 172 0.27 -11.31 -8.92
CA ALA A 172 0.08 -12.53 -8.11
C ALA A 172 -0.72 -13.62 -8.86
N GLY A 173 -1.08 -13.36 -10.10
CA GLY A 173 -1.70 -14.38 -10.97
C GLY A 173 -3.22 -14.45 -10.87
N GLY A 174 -3.85 -13.33 -10.48
CA GLY A 174 -5.31 -13.21 -10.38
C GLY A 174 -5.83 -12.27 -11.45
N ILE A 175 -7.14 -12.27 -11.65
CA ILE A 175 -7.75 -11.36 -12.62
C ILE A 175 -8.48 -10.30 -11.79
N ASN A 176 -8.25 -9.03 -12.10
CA ASN A 176 -8.98 -7.96 -11.43
C ASN A 176 -10.38 -7.91 -12.08
N ALA A 177 -11.37 -8.43 -11.36
CA ALA A 177 -12.78 -8.48 -11.81
C ALA A 177 -13.44 -7.10 -11.97
N ALA A 178 -12.84 -6.02 -11.46
CA ALA A 178 -13.42 -4.68 -11.64
C ALA A 178 -13.42 -4.27 -13.13
N ALA A 179 -12.50 -4.78 -13.96
CA ALA A 179 -12.51 -4.56 -15.43
C ALA A 179 -13.84 -5.01 -16.13
N ASP A 180 -14.40 -6.15 -15.71
CA ASP A 180 -15.71 -6.66 -16.17
C ASP A 180 -16.86 -5.68 -15.93
N ALA A 181 -16.70 -4.77 -14.97
CA ALA A 181 -17.73 -3.72 -14.77
C ALA A 181 -17.29 -2.39 -15.43
N GLY A 182 -16.14 -2.41 -16.11
CA GLY A 182 -15.62 -1.22 -16.79
C GLY A 182 -14.78 -0.25 -15.96
N ILE A 183 -14.58 -0.59 -14.69
CA ILE A 183 -14.00 0.29 -13.68
C ILE A 183 -12.54 0.69 -13.87
N VAL A 184 -12.32 2.01 -13.94
CA VAL A 184 -10.98 2.61 -13.93
C VAL A 184 -10.86 3.27 -12.55
N GLU A 185 -9.72 3.10 -11.85
CA GLU A 185 -9.48 3.74 -10.51
C GLU A 185 -10.57 3.34 -9.48
N PHE A 186 -11.02 4.25 -8.60
CA PHE A 186 -12.07 3.90 -7.62
C PHE A 186 -13.47 4.24 -8.07
N LYS A 187 -14.38 3.26 -8.01
CA LYS A 187 -15.81 3.50 -8.30
C LYS A 187 -16.71 2.83 -7.29
N PRO A 188 -17.93 3.40 -7.08
CA PRO A 188 -18.84 2.77 -6.12
C PRO A 188 -19.22 1.32 -6.46
N LEU A 189 -19.30 0.49 -5.44
CA LEU A 189 -19.91 -0.82 -5.54
C LEU A 189 -21.42 -0.64 -5.85
N SER A 190 -21.96 -1.53 -6.70
CA SER A 190 -23.39 -1.50 -7.07
C SER A 190 -23.86 -2.93 -7.39
N PRO A 191 -25.19 -3.18 -7.31
CA PRO A 191 -25.74 -4.46 -7.78
C PRO A 191 -25.16 -4.89 -9.15
N GLU A 192 -25.07 -3.95 -10.08
CA GLU A 192 -24.56 -4.19 -11.42
C GLU A 192 -23.10 -4.65 -11.42
N VAL A 193 -22.27 -3.98 -10.61
CA VAL A 193 -20.83 -4.31 -10.48
C VAL A 193 -20.73 -5.77 -9.98
N VAL A 194 -21.51 -6.11 -8.95
CA VAL A 194 -21.49 -7.46 -8.34
C VAL A 194 -21.92 -8.56 -9.35
N ILE A 195 -22.97 -8.30 -10.15
CA ILE A 195 -23.38 -9.24 -11.20
C ILE A 195 -22.28 -9.47 -12.19
N ALA A 196 -21.66 -8.39 -12.66
CA ALA A 196 -20.60 -8.53 -13.64
C ALA A 196 -19.28 -9.09 -13.08
N ALA A 197 -18.96 -8.81 -11.82
CA ALA A 197 -17.67 -9.25 -11.30
C ALA A 197 -17.76 -10.72 -10.84
N GLN A 198 -18.85 -11.08 -10.14
CA GLN A 198 -19.00 -12.43 -9.50
C GLN A 198 -17.63 -12.98 -9.02
N PRO A 199 -16.98 -12.28 -8.07
CA PRO A 199 -15.63 -12.72 -7.76
C PRO A 199 -15.52 -14.09 -7.03
N ASP A 200 -14.39 -14.75 -7.28
CA ASP A 200 -13.93 -15.96 -6.61
C ASP A 200 -13.26 -15.60 -5.28
N VAL A 201 -12.64 -14.42 -5.25
CA VAL A 201 -11.94 -13.89 -4.05
C VAL A 201 -12.40 -12.46 -3.78
N LEU A 202 -12.74 -12.17 -2.53
CA LEU A 202 -12.90 -10.79 -2.09
C LEU A 202 -11.63 -10.31 -1.36
N LEU A 203 -11.01 -9.27 -1.89
CA LEU A 203 -9.80 -8.71 -1.27
C LEU A 203 -10.17 -7.39 -0.58
N VAL A 204 -9.92 -7.30 0.72
CA VAL A 204 -10.27 -6.11 1.51
C VAL A 204 -9.11 -5.65 2.44
N LEU A 205 -9.25 -4.49 3.02
CA LEU A 205 -8.29 -4.07 4.07
C LEU A 205 -8.74 -4.54 5.46
N ASP A 206 -7.75 -4.88 6.32
CA ASP A 206 -7.96 -5.18 7.75
C ASP A 206 -8.99 -4.23 8.38
N LYS A 207 -8.69 -2.93 8.33
CA LYS A 207 -9.57 -1.92 8.96
C LYS A 207 -10.95 -1.89 8.32
N GLY A 208 -10.97 -1.97 6.99
CA GLY A 208 -12.23 -2.02 6.24
C GLY A 208 -13.12 -3.16 6.67
N LEU A 209 -12.57 -4.36 6.73
CA LEU A 209 -13.32 -5.51 7.20
C LEU A 209 -13.83 -5.34 8.63
N GLU A 210 -12.98 -4.81 9.53
CA GLU A 210 -13.46 -4.48 10.87
C GLU A 210 -14.62 -3.44 10.83
N SER A 211 -14.46 -2.37 10.05
CA SER A 211 -15.51 -1.35 9.94
C SER A 211 -16.90 -1.84 9.44
N VAL A 212 -17.01 -3.02 8.82
CA VAL A 212 -18.34 -3.54 8.43
C VAL A 212 -18.81 -4.67 9.34
N GLY A 213 -18.09 -4.96 10.43
CA GLY A 213 -18.48 -6.07 11.30
C GLY A 213 -17.85 -7.42 10.97
N GLY A 214 -16.65 -7.43 10.36
CA GLY A 214 -15.99 -8.71 10.07
C GLY A 214 -16.65 -9.42 8.90
N VAL A 215 -16.27 -10.68 8.64
CA VAL A 215 -16.80 -11.46 7.52
C VAL A 215 -18.34 -11.56 7.57
N ASP A 216 -18.88 -11.80 8.76
CA ASP A 216 -20.33 -11.82 8.96
C ASP A 216 -21.00 -10.53 8.50
N GLY A 217 -20.49 -9.37 8.89
CA GLY A 217 -21.05 -8.12 8.35
C GLY A 217 -20.84 -7.93 6.85
N LEU A 218 -19.64 -8.21 6.37
CA LEU A 218 -19.34 -7.99 4.93
C LEU A 218 -20.35 -8.74 4.04
N LEU A 219 -20.63 -9.98 4.40
CA LEU A 219 -21.52 -10.81 3.60
C LEU A 219 -23.00 -10.47 3.74
N LYS A 220 -23.32 -9.50 4.62
CA LYS A 220 -24.65 -8.93 4.70
CA LYS A 220 -24.67 -8.95 4.67
C LYS A 220 -24.83 -7.80 3.69
N ILE A 221 -23.73 -7.35 3.08
CA ILE A 221 -23.81 -6.35 2.01
C ILE A 221 -24.47 -6.99 0.78
N PRO A 222 -25.50 -6.33 0.23
CA PRO A 222 -26.34 -7.02 -0.78
C PRO A 222 -25.50 -7.59 -1.93
N GLY A 223 -25.79 -8.80 -2.36
CA GLY A 223 -25.08 -9.38 -3.50
C GLY A 223 -23.82 -10.18 -3.15
N LEU A 224 -23.12 -9.77 -2.08
CA LEU A 224 -21.82 -10.43 -1.78
C LEU A 224 -21.92 -11.84 -1.27
N ALA A 225 -22.91 -12.18 -0.42
CA ALA A 225 -23.00 -13.56 0.10
C ALA A 225 -23.14 -14.62 -1.02
N ASP A 226 -23.72 -14.22 -2.15
CA ASP A 226 -24.04 -15.19 -3.19
C ASP A 226 -23.00 -15.22 -4.35
N THR A 227 -21.93 -14.41 -4.25
CA THR A 227 -20.76 -14.58 -5.15
C THR A 227 -20.05 -15.91 -4.89
N PRO A 228 -19.25 -16.41 -5.86
CA PRO A 228 -18.50 -17.58 -5.53
C PRO A 228 -17.60 -17.36 -4.30
N ALA A 229 -17.06 -16.15 -4.14
CA ALA A 229 -16.27 -15.86 -2.91
C ALA A 229 -17.13 -15.92 -1.66
N GLY A 230 -18.25 -15.19 -1.68
CA GLY A 230 -19.17 -15.18 -0.56
C GLY A 230 -19.58 -16.57 -0.11
N ARG A 231 -19.87 -17.46 -1.06
CA ARG A 231 -20.29 -18.83 -0.75
C ARG A 231 -19.25 -19.68 -0.02
N GLN A 232 -17.97 -19.51 -0.36
CA GLN A 232 -16.90 -20.24 0.31
C GLN A 232 -16.19 -19.40 1.40
N ARG A 233 -16.75 -18.23 1.69
CA ARG A 233 -16.16 -17.27 2.62
C ARG A 233 -14.68 -16.96 2.27
N ARG A 234 -14.39 -16.78 0.97
CA ARG A 234 -13.02 -16.60 0.54
C ARG A 234 -12.71 -15.11 0.56
N ILE A 235 -12.43 -14.61 1.77
CA ILE A 235 -12.14 -13.20 2.00
C ILE A 235 -10.67 -13.18 2.39
N ILE A 236 -9.87 -12.32 1.77
CA ILE A 236 -8.44 -12.12 2.15
C ILE A 236 -8.42 -10.70 2.70
N ALA A 237 -7.99 -10.51 3.95
CA ALA A 237 -7.90 -9.17 4.52
C ALA A 237 -6.43 -8.91 4.79
N LEU A 238 -5.91 -7.81 4.28
CA LEU A 238 -4.49 -7.48 4.51
C LEU A 238 -4.42 -6.08 5.07
N ASP A 239 -3.36 -5.79 5.83
CA ASP A 239 -3.05 -4.43 6.27
C ASP A 239 -2.86 -3.47 5.07
N ASP A 240 -3.39 -2.25 5.12
CA ASP A 240 -3.23 -1.32 4.00
C ASP A 240 -1.80 -0.98 3.55
N LEU A 241 -0.91 -0.62 4.49
CA LEU A 241 0.45 -0.27 4.07
C LEU A 241 1.17 -1.52 3.44
N TYR A 242 0.91 -2.68 4.01
CA TYR A 242 1.50 -3.92 3.54
C TYR A 242 1.03 -4.26 2.15
N LEU A 243 -0.28 -4.24 1.93
CA LEU A 243 -0.79 -4.55 0.58
C LEU A 243 -0.46 -3.49 -0.48
N LEU A 244 -0.60 -2.22 -0.13
CA LEU A 244 -0.66 -1.11 -1.09
C LEU A 244 0.53 -0.13 -1.09
N GLY A 245 1.40 -0.23 -0.07
CA GLY A 245 2.61 0.61 0.03
C GLY A 245 3.69 0.56 -1.07
N MET A 246 3.78 -0.54 -1.82
CA MET A 246 4.82 -0.62 -2.87
C MET A 246 6.21 -0.32 -2.29
N GLY A 247 6.48 -0.97 -1.17
CA GLY A 247 7.69 -0.73 -0.42
C GLY A 247 8.47 -2.00 -0.26
N PRO A 248 9.29 -2.09 0.81
CA PRO A 248 10.20 -3.21 0.94
C PRO A 248 9.49 -4.58 1.13
N ARG A 249 8.24 -4.56 1.60
CA ARG A 249 7.48 -5.80 1.81
C ARG A 249 6.62 -6.24 0.62
N THR A 250 6.83 -5.63 -0.54
CA THR A 250 6.02 -5.88 -1.71
C THR A 250 6.03 -7.35 -2.14
N GLY A 251 7.23 -7.95 -2.18
CA GLY A 251 7.42 -9.34 -2.48
C GLY A 251 6.73 -10.24 -1.45
N GLN A 252 6.73 -9.86 -0.18
CA GLN A 252 6.08 -10.68 0.84
C GLN A 252 4.56 -10.61 0.62
N ALA A 253 4.04 -9.44 0.30
CA ALA A 253 2.57 -9.31 0.10
C ALA A 253 2.11 -10.07 -1.16
N LEU A 254 2.91 -9.99 -2.24
CA LEU A 254 2.64 -10.77 -3.46
C LEU A 254 2.60 -12.26 -3.22
N THR A 255 3.48 -12.75 -2.33
CA THR A 255 3.58 -14.18 -2.02
C THR A 255 2.28 -14.57 -1.28
N ASP A 256 1.85 -13.76 -0.32
CA ASP A 256 0.60 -14.09 0.40
C ASP A 256 -0.57 -14.12 -0.59
N LEU A 257 -0.67 -13.10 -1.47
CA LEU A 257 -1.76 -13.10 -2.43
C LEU A 257 -1.70 -14.32 -3.34
N THR A 258 -0.51 -14.62 -3.89
CA THR A 258 -0.47 -15.69 -4.91
C THR A 258 -0.76 -17.07 -4.32
N ILE A 259 -0.30 -17.29 -3.10
CA ILE A 259 -0.66 -18.52 -2.33
C ILE A 259 -2.19 -18.64 -2.21
N ALA A 260 -2.85 -17.57 -1.78
CA ALA A 260 -4.33 -17.56 -1.68
C ALA A 260 -5.02 -17.73 -3.06
N PHE A 261 -4.50 -17.05 -4.07
CA PHE A 261 -5.11 -17.13 -5.40
C PHE A 261 -4.98 -18.55 -5.95
N TYR A 262 -3.86 -19.21 -5.64
CA TYR A 262 -3.60 -20.56 -6.14
C TYR A 262 -4.67 -21.50 -5.58
N ASP A 263 -4.94 -21.33 -4.30
CA ASP A 263 -5.97 -22.12 -3.63
C ASP A 263 -7.37 -21.90 -4.22
N ALA A 264 -7.69 -20.63 -4.47
CA ALA A 264 -8.93 -20.27 -5.13
C ALA A 264 -9.03 -20.83 -6.55
N ALA A 265 -7.91 -20.83 -7.29
CA ALA A 265 -7.90 -21.41 -8.65
C ALA A 265 -8.29 -22.88 -8.60
N GLN A 266 -7.82 -23.59 -7.58
CA GLN A 266 -8.15 -25.01 -7.44
C GLN A 266 -9.57 -25.21 -6.92
N GLY A 267 -10.02 -24.41 -5.97
CA GLY A 267 -11.23 -24.74 -5.22
C GLY A 267 -12.49 -23.91 -5.42
N SER A 268 -12.42 -22.75 -6.07
CA SER A 268 -13.60 -21.91 -6.11
C SER A 268 -14.76 -22.48 -6.99
N ARG A 269 -14.47 -22.80 -8.25
CA ARG A 269 -15.54 -23.31 -9.16
C ARG A 269 -14.98 -24.44 -10.05
N PRO A 270 -15.82 -25.41 -10.49
CA PRO A 270 -17.26 -25.60 -10.18
C PRO A 270 -17.57 -25.96 -8.70
#